data_2YDM
#
_entry.id   2YDM
#
_cell.length_a   56.143
_cell.length_b   84.533
_cell.length_c   132.270
_cell.angle_alpha   90.00
_cell.angle_beta   90.00
_cell.angle_gamma   90.00
#
_symmetry.space_group_name_H-M   'P 21 21 21'
#
loop_
_entity.id
_entity.type
_entity.pdbx_description
1 polymer 'ANGIOTENSIN CONVERTING ENZYME'
2 branched beta-D-mannopyranose-(1-4)-2-acetamido-2-deoxy-beta-D-glucopyranose-(1-4)-2-acetamido-2-deoxy-beta-D-glucopyranose
3 non-polymer 'ZINC ION'
4 non-polymer 'CHLORIDE ION'
5 non-polymer 2-acetamido-2-deoxy-beta-D-glucopyranose
6 non-polymer SELENO-CAPTOPRIL
7 water water
#
_entity_poly.entity_id   1
_entity_poly.type   'polypeptide(L)'
_entity_poly.pdbx_seq_one_letter_code
;LVTDEAEASKFVEEYDRTSQVVWNEYAEANWNYNTNITTETSKILLQKNMQIANHTLKYGTQARKFDVNQLQNTTIKRII
KKVQDLERAALPAQELEEYNKILLDMETTYSVATVCHPNGSCLQLEPDLTNVMATSRKYEDLLWAWEGWRDKAGRAILQF
YPKYVELINQAARLNGYVDAGDSWRSMYETPSLEQDLERLFQELQPLYLNLHAYVRRALHRHYGAQHINLEGPIPAHLLG
NMWAQTWSNIYDLVVPFPSAPSMDTTEAMLKQGWTPRRMFKEADDFFTSLGLLPVPPEFWNKSMLEKPTDGREVVCHASA
WDFYNGKDFRIKQCTTVNLEDLVVAHHEMGHIQYFMQYKDLPVALREGANPGFHEAIGDVLALSVSTPKHLHSLNLLSSE
GGSDEHDINFLMKMALDKIAFIPFSYLVDQWRWRVFDGSITKENYNQEWWSLRLKYQGLCPPVPRTQGDFDPGAKFHIPS
SVPYIRYFVSFIIQFQFHEALCQAAGHTGPLHKCDIYQSKEAGQRLATAMKLGFSRPWPEAMQLITGQPNMSASAMLSYF
KPLLDWLRTENELHGEKLGWQQYNWTPNS
;
_entity_poly.pdbx_strand_id   A
#
loop_
_chem_comp.id
_chem_comp.type
_chem_comp.name
_chem_comp.formula
BMA D-saccharide, beta linking beta-D-mannopyranose 'C6 H12 O6'
CL non-polymer 'CHLORIDE ION' 'Cl -1'
NAG D-saccharide, beta linking 2-acetamido-2-deoxy-beta-D-glucopyranose 'C8 H15 N O6'
SLC non-polymer SELENO-CAPTOPRIL 'C9 H13 N O3 Se'
ZN non-polymer 'ZINC ION' 'Zn 2'
#
# COMPACT_ATOMS: atom_id res chain seq x y z
N ASP A 4 -41.28 -1.20 5.72
CA ASP A 4 -41.15 -0.19 4.62
C ASP A 4 -39.86 0.63 4.73
N GLU A 5 -39.93 1.87 4.26
CA GLU A 5 -38.80 2.79 4.31
C GLU A 5 -38.47 3.15 5.75
N ALA A 6 -39.48 3.49 6.53
CA ALA A 6 -39.31 3.79 7.96
C ALA A 6 -38.60 2.68 8.73
N GLU A 7 -38.85 1.43 8.36
CA GLU A 7 -38.20 0.31 9.01
C GLU A 7 -36.76 0.15 8.59
N ALA A 8 -36.47 0.53 7.35
CA ALA A 8 -35.13 0.43 6.82
C ALA A 8 -34.19 1.40 7.54
N SER A 9 -34.67 2.59 7.88
CA SER A 9 -33.79 3.58 8.50
C SER A 9 -33.64 3.39 10.03
N LYS A 10 -34.70 2.91 10.69
CA LYS A 10 -34.57 2.41 12.05
C LYS A 10 -33.51 1.30 12.09
N PHE A 11 -33.61 0.35 11.17
CA PHE A 11 -32.56 -0.66 11.04
C PHE A 11 -31.14 -0.10 10.86
N VAL A 12 -30.98 0.84 9.93
CA VAL A 12 -29.67 1.44 9.68
C VAL A 12 -29.15 2.15 10.95
N GLU A 13 -30.00 2.92 11.63
CA GLU A 13 -29.65 3.60 12.88
C GLU A 13 -29.25 2.62 13.98
N GLU A 14 -29.94 1.47 14.06
CA GLU A 14 -29.64 0.44 15.04
C GLU A 14 -28.31 -0.26 14.75
N TYR A 15 -28.07 -0.53 13.46
CA TYR A 15 -26.82 -1.09 12.98
C TYR A 15 -25.63 -0.20 13.36
N ASP A 16 -25.72 1.08 13.05
CA ASP A 16 -24.59 2.00 13.22
C ASP A 16 -24.17 2.17 14.69
N ARG A 17 -25.15 2.25 15.60
CA ARG A 17 -24.82 2.41 17.01
C ARG A 17 -24.25 1.16 17.66
N THR A 18 -24.85 -0.01 17.44
CA THR A 18 -24.25 -1.27 17.91
C THR A 18 -22.93 -1.61 17.19
N SER A 19 -22.83 -1.31 15.91
CA SER A 19 -21.55 -1.48 15.20
C SER A 19 -20.43 -0.65 15.80
N GLN A 20 -20.74 0.56 16.24
CA GLN A 20 -19.73 1.42 16.88
C GLN A 20 -19.08 0.75 18.09
N VAL A 21 -19.90 0.40 19.08
CA VAL A 21 -19.49 -0.30 20.28
C VAL A 21 -18.69 -1.56 19.99
N VAL A 22 -19.20 -2.42 19.11
CA VAL A 22 -18.59 -3.71 18.89
C VAL A 22 -17.30 -3.58 18.06
N TRP A 23 -17.35 -2.79 16.99
CA TRP A 23 -16.16 -2.51 16.20
C TRP A 23 -15.11 -1.87 17.09
N ASN A 24 -15.53 -1.07 18.06
CA ASN A 24 -14.57 -0.45 18.99
C ASN A 24 -13.84 -1.45 19.90
N GLU A 25 -14.56 -2.44 20.43
CA GLU A 25 -13.97 -3.48 21.27
C GLU A 25 -13.06 -4.41 20.46
N TYR A 26 -13.43 -4.64 19.21
CA TYR A 26 -12.60 -5.48 18.34
C TYR A 26 -11.25 -4.84 18.03
N ALA A 27 -11.28 -3.56 17.67
CA ALA A 27 -10.07 -2.85 17.28
C ALA A 27 -9.03 -2.80 18.41
N GLU A 28 -9.49 -2.57 19.64
CA GLU A 28 -8.56 -2.60 20.78
C GLU A 28 -7.87 -3.94 20.93
N ALA A 29 -8.66 -5.02 21.00
CA ALA A 29 -8.11 -6.37 21.07
C ALA A 29 -7.16 -6.65 19.90
N ASN A 30 -7.56 -6.28 18.68
CA ASN A 30 -6.70 -6.37 17.48
C ASN A 30 -5.41 -5.58 17.64
N TRP A 31 -5.52 -4.41 18.26
CA TRP A 31 -4.39 -3.54 18.47
C TRP A 31 -3.47 -4.14 19.54
N ASN A 32 -4.08 -4.72 20.56
CA ASN A 32 -3.32 -5.34 21.66
C ASN A 32 -2.48 -6.51 21.19
N TYR A 33 -3.00 -7.26 20.21
CA TYR A 33 -2.23 -8.32 19.57
C TYR A 33 -1.15 -7.74 18.67
N ASN A 34 -1.52 -6.83 17.76
CA ASN A 34 -0.58 -6.24 16.80
C ASN A 34 0.64 -5.59 17.42
N THR A 35 0.46 -4.98 18.58
CA THR A 35 1.54 -4.27 19.27
C THR A 35 2.15 -5.08 20.41
N ASN A 36 1.78 -6.35 20.53
CA ASN A 36 2.29 -7.22 21.59
C ASN A 36 1.93 -8.68 21.31
N ILE A 37 2.53 -9.25 20.27
CA ILE A 37 2.23 -10.62 19.85
C ILE A 37 2.63 -11.63 20.92
N THR A 38 1.63 -12.17 21.62
CA THR A 38 1.83 -13.22 22.60
C THR A 38 0.60 -14.12 22.56
N THR A 39 0.66 -15.23 23.30
CA THR A 39 -0.42 -16.22 23.31
C THR A 39 -1.72 -15.64 23.88
N GLU A 40 -1.61 -14.83 24.93
CA GLU A 40 -2.79 -14.26 25.61
C GLU A 40 -3.52 -13.25 24.71
N THR A 41 -2.77 -12.39 24.03
CA THR A 41 -3.41 -11.37 23.18
C THR A 41 -4.09 -12.03 21.99
N SER A 42 -3.51 -13.16 21.56
CA SER A 42 -4.03 -13.95 20.44
C SER A 42 -5.34 -14.60 20.80
N LYS A 43 -5.33 -15.24 21.97
CA LYS A 43 -6.51 -15.89 22.52
C LYS A 43 -7.63 -14.86 22.65
N ILE A 44 -7.30 -13.68 23.17
CA ILE A 44 -8.29 -12.61 23.30
C ILE A 44 -8.76 -12.10 21.94
N LEU A 45 -7.84 -11.88 21.00
CA LEU A 45 -8.21 -11.48 19.66
C LEU A 45 -9.11 -12.53 19.04
N LEU A 46 -8.79 -13.81 19.23
CA LEU A 46 -9.60 -14.88 18.63
C LEU A 46 -11.02 -14.89 19.17
N GLN A 47 -11.16 -14.61 20.47
CA GLN A 47 -12.46 -14.50 21.15
C GLN A 47 -13.35 -13.32 20.72
N LYS A 48 -12.75 -12.13 20.60
CA LYS A 48 -13.46 -10.95 20.11
C LYS A 48 -13.90 -11.13 18.67
N ASN A 49 -13.18 -11.97 17.92
CA ASN A 49 -13.58 -12.37 16.58
C ASN A 49 -14.94 -13.07 16.51
N MET A 50 -15.21 -13.97 17.44
CA MET A 50 -16.50 -14.65 17.50
C MET A 50 -17.58 -13.64 17.83
N GLN A 51 -17.32 -12.81 18.85
CA GLN A 51 -18.18 -11.70 19.20
C GLN A 51 -18.54 -10.87 17.98
N ILE A 52 -17.53 -10.30 17.31
CA ILE A 52 -17.76 -9.45 16.14
C ILE A 52 -18.60 -10.19 15.09
N ALA A 53 -18.29 -11.47 14.86
CA ALA A 53 -19.04 -12.31 13.91
C ALA A 53 -20.47 -12.56 14.36
N ASN A 54 -20.66 -12.79 15.66
CA ASN A 54 -21.98 -12.93 16.24
C ASN A 54 -22.85 -11.70 15.88
N HIS A 55 -22.25 -10.51 15.97
CA HIS A 55 -22.90 -9.26 15.61
C HIS A 55 -23.17 -9.13 14.11
N THR A 56 -22.17 -9.47 13.28
CA THR A 56 -22.30 -9.39 11.82
C THR A 56 -23.46 -10.27 11.30
N LEU A 57 -23.53 -11.49 11.82
CA LEU A 57 -24.56 -12.44 11.44
C LEU A 57 -25.98 -11.93 11.76
N LYS A 58 -26.19 -11.56 13.02
CA LYS A 58 -27.46 -10.98 13.49
C LYS A 58 -27.96 -9.88 12.56
N TYR A 59 -27.10 -8.94 12.18
CA TYR A 59 -27.49 -7.80 11.36
C TYR A 59 -27.50 -8.06 9.84
N GLY A 60 -26.67 -8.98 9.38
CA GLY A 60 -26.60 -9.31 7.95
C GLY A 60 -27.83 -10.10 7.56
N THR A 61 -28.24 -10.99 8.45
CA THR A 61 -29.44 -11.80 8.30
C THR A 61 -30.67 -10.91 8.19
N GLN A 62 -30.80 -9.92 9.09
CA GLN A 62 -31.84 -8.91 9.00
C GLN A 62 -31.77 -8.13 7.69
N ALA A 63 -30.59 -7.68 7.32
CA ALA A 63 -30.43 -6.82 6.14
C ALA A 63 -30.94 -7.49 4.89
N ARG A 64 -30.77 -8.80 4.84
CA ARG A 64 -31.14 -9.60 3.68
C ARG A 64 -32.65 -9.76 3.56
N LYS A 65 -33.35 -9.52 4.67
CA LYS A 65 -34.81 -9.55 4.67
C LYS A 65 -35.38 -8.25 4.12
N PHE A 66 -34.50 -7.32 3.75
CA PHE A 66 -34.92 -6.11 3.07
C PHE A 66 -34.77 -6.25 1.58
N ASP A 67 -35.80 -5.83 0.86
CA ASP A 67 -35.65 -5.70 -0.58
C ASP A 67 -35.12 -4.33 -0.86
N VAL A 68 -33.84 -4.29 -1.23
CA VAL A 68 -33.12 -3.04 -1.47
C VAL A 68 -33.77 -2.27 -2.61
N ASN A 69 -34.50 -2.99 -3.46
CA ASN A 69 -35.17 -2.41 -4.63
C ASN A 69 -36.33 -1.51 -4.26
N GLN A 70 -37.08 -1.89 -3.22
CA GLN A 70 -38.27 -1.14 -2.77
C GLN A 70 -37.97 0.15 -1.99
N LEU A 71 -36.69 0.41 -1.72
CA LEU A 71 -36.24 1.50 -0.87
C LEU A 71 -35.95 2.78 -1.62
N GLN A 72 -36.61 3.85 -1.19
CA GLN A 72 -36.51 5.16 -1.82
C GLN A 72 -35.18 5.83 -1.55
N ASN A 73 -34.82 5.99 -0.28
CA ASN A 73 -33.61 6.70 0.09
C ASN A 73 -32.39 5.91 -0.38
N THR A 74 -31.54 6.57 -1.16
CA THR A 74 -30.35 5.94 -1.72
C THR A 74 -29.29 5.67 -0.64
N THR A 75 -29.08 6.64 0.24
CA THR A 75 -28.17 6.46 1.37
C THR A 75 -28.50 5.19 2.21
N ILE A 76 -29.79 4.96 2.50
CA ILE A 76 -30.22 3.79 3.25
C ILE A 76 -30.01 2.53 2.40
N LYS A 77 -30.37 2.64 1.12
CA LYS A 77 -30.24 1.61 0.11
C LYS A 77 -28.84 1.00 0.17
N ARG A 78 -27.86 1.88 0.15
CA ARG A 78 -26.46 1.55 0.02
C ARG A 78 -25.85 0.92 1.29
N ILE A 79 -26.37 1.32 2.45
CA ILE A 79 -25.87 0.80 3.72
C ILE A 79 -26.36 -0.64 3.91
N ILE A 80 -27.67 -0.82 3.77
CA ILE A 80 -28.32 -2.12 3.89
C ILE A 80 -27.71 -3.15 2.93
N LYS A 81 -27.53 -2.74 1.68
CA LYS A 81 -26.84 -3.53 0.66
C LYS A 81 -25.45 -3.98 1.12
N LYS A 82 -24.70 -3.07 1.73
CA LYS A 82 -23.37 -3.39 2.25
C LYS A 82 -23.47 -4.34 3.45
N VAL A 83 -24.45 -4.11 4.32
CA VAL A 83 -24.66 -4.96 5.49
C VAL A 83 -25.06 -6.41 5.12
N GLN A 84 -25.55 -6.60 3.90
CA GLN A 84 -25.90 -7.93 3.41
C GLN A 84 -24.65 -8.81 3.13
N ASP A 85 -23.48 -8.19 3.17
CA ASP A 85 -22.19 -8.88 3.09
C ASP A 85 -21.61 -9.18 4.50
N LEU A 86 -21.68 -10.45 4.88
CA LEU A 86 -21.33 -10.94 6.19
C LEU A 86 -19.84 -11.15 6.32
N GLU A 87 -19.17 -11.12 5.17
CA GLU A 87 -17.74 -11.44 5.08
C GLU A 87 -17.46 -12.82 5.64
N ARG A 88 -16.38 -12.96 6.40
CA ARG A 88 -16.03 -14.24 6.99
C ARG A 88 -17.17 -14.79 7.84
N ALA A 89 -18.00 -13.92 8.40
CA ALA A 89 -19.09 -14.39 9.28
C ALA A 89 -20.19 -15.19 8.54
N ALA A 90 -20.15 -15.23 7.21
CA ALA A 90 -20.96 -16.15 6.43
C ALA A 90 -20.58 -17.61 6.68
N LEU A 91 -19.39 -17.83 7.24
CA LEU A 91 -18.90 -19.19 7.45
C LEU A 91 -19.56 -19.87 8.64
N PRO A 92 -19.85 -21.18 8.50
CA PRO A 92 -20.19 -22.04 9.63
C PRO A 92 -19.16 -21.89 10.74
N ALA A 93 -19.59 -22.12 11.97
CA ALA A 93 -18.83 -21.73 13.17
C ALA A 93 -17.45 -22.38 13.27
N GLN A 94 -17.36 -23.64 12.86
CA GLN A 94 -16.12 -24.42 12.91
C GLN A 94 -15.09 -23.96 11.87
N GLU A 95 -15.56 -23.76 10.64
CA GLU A 95 -14.76 -23.17 9.56
C GLU A 95 -14.40 -21.70 9.84
N LEU A 96 -15.27 -20.99 10.53
CA LEU A 96 -14.97 -19.61 10.88
C LEU A 96 -13.89 -19.56 11.94
N GLU A 97 -13.86 -20.56 12.82
CA GLU A 97 -12.86 -20.58 13.87
C GLU A 97 -11.54 -21.06 13.30
N GLU A 98 -11.59 -22.04 12.38
CA GLU A 98 -10.40 -22.42 11.59
C GLU A 98 -9.85 -21.25 10.77
N TYR A 99 -10.72 -20.60 10.00
CA TYR A 99 -10.31 -19.43 9.20
C TYR A 99 -9.60 -18.34 10.01
N ASN A 100 -10.19 -17.95 11.13
CA ASN A 100 -9.54 -16.99 11.99
C ASN A 100 -8.17 -17.45 12.45
N LYS A 101 -8.05 -18.73 12.79
CA LYS A 101 -6.80 -19.27 13.31
C LYS A 101 -5.70 -19.24 12.26
N ILE A 102 -6.06 -19.63 11.04
CA ILE A 102 -5.18 -19.55 9.88
C ILE A 102 -4.61 -18.15 9.71
N LEU A 103 -5.48 -17.16 9.57
CA LEU A 103 -5.03 -15.77 9.41
C LEU A 103 -4.05 -15.33 10.53
N LEU A 104 -4.47 -15.49 11.77
CA LEU A 104 -3.61 -15.19 12.91
C LEU A 104 -2.29 -15.94 12.88
N ASP A 105 -2.32 -17.19 12.42
CA ASP A 105 -1.09 -17.98 12.35
C ASP A 105 -0.18 -17.49 11.25
N MET A 106 -0.77 -17.10 10.13
CA MET A 106 -0.04 -16.52 9.00
C MET A 106 0.57 -15.18 9.37
N GLU A 107 -0.15 -14.38 10.16
CA GLU A 107 0.33 -13.06 10.52
C GLU A 107 1.49 -13.14 11.54
N THR A 108 1.33 -14.02 12.54
CA THR A 108 2.38 -14.26 13.53
C THR A 108 3.64 -14.79 12.89
N THR A 109 3.47 -15.85 12.10
CA THR A 109 4.54 -16.42 11.31
C THR A 109 5.33 -15.34 10.55
N TYR A 110 4.63 -14.48 9.82
CA TYR A 110 5.32 -13.46 9.05
C TYR A 110 6.05 -12.49 9.96
N SER A 111 5.39 -12.09 11.04
CA SER A 111 5.89 -10.99 11.84
C SER A 111 7.05 -11.39 12.76
N VAL A 112 7.12 -12.65 13.13
CA VAL A 112 8.19 -13.10 14.02
C VAL A 112 9.35 -13.81 13.30
N ALA A 113 9.29 -13.91 11.98
CA ALA A 113 10.32 -14.63 11.22
C ALA A 113 11.68 -13.93 11.26
N THR A 114 12.75 -14.74 11.34
CA THR A 114 14.11 -14.23 11.29
C THR A 114 15.00 -15.00 10.32
N VAL A 115 16.06 -14.36 9.85
CA VAL A 115 17.04 -14.99 8.98
C VAL A 115 18.37 -15.01 9.71
N CYS A 116 18.80 -16.19 10.13
CA CYS A 116 19.96 -16.32 11.01
C CYS A 116 21.24 -16.70 10.29
N HIS A 117 22.31 -15.97 10.61
CA HIS A 117 23.67 -16.35 10.24
C HIS A 117 24.05 -17.63 11.00
N PRO A 118 24.82 -18.51 10.35
CA PRO A 118 25.21 -19.83 10.88
C PRO A 118 25.51 -19.85 12.37
N ASN A 119 26.34 -18.92 12.85
CA ASN A 119 26.79 -18.94 14.25
C ASN A 119 26.66 -17.58 14.95
N GLY A 120 25.75 -16.73 14.47
CA GLY A 120 25.67 -15.38 15.00
C GLY A 120 24.30 -14.75 14.96
N SER A 121 24.24 -13.60 14.30
CA SER A 121 23.08 -12.72 14.32
C SER A 121 21.83 -13.30 13.66
N CYS A 122 20.70 -13.12 14.32
CA CYS A 122 19.40 -13.35 13.68
C CYS A 122 18.76 -12.01 13.29
N LEU A 123 18.36 -11.91 12.04
CA LEU A 123 17.91 -10.64 11.46
C LEU A 123 16.42 -10.62 11.20
N GLN A 124 15.79 -9.51 11.58
CA GLN A 124 14.37 -9.28 11.36
C GLN A 124 14.22 -8.52 10.07
N LEU A 125 13.05 -8.65 9.43
CA LEU A 125 12.81 -7.95 8.16
C LEU A 125 13.02 -6.45 8.35
N GLU A 126 12.41 -5.86 9.37
CA GLU A 126 12.62 -4.46 9.66
C GLU A 126 13.40 -4.28 10.96
N PRO A 127 14.53 -3.58 10.88
CA PRO A 127 15.04 -3.06 9.61
C PRO A 127 16.31 -3.76 9.14
N ASP A 128 16.68 -4.87 9.78
CA ASP A 128 17.94 -5.56 9.50
C ASP A 128 18.12 -6.06 8.06
N LEU A 129 17.07 -6.63 7.49
CA LEU A 129 17.13 -7.15 6.12
C LEU A 129 16.85 -6.04 5.12
N THR A 130 15.93 -5.17 5.50
CA THR A 130 15.60 -3.94 4.78
C THR A 130 16.82 -3.05 4.59
N ASN A 131 17.55 -2.79 5.67
CA ASN A 131 18.79 -2.04 5.59
C ASN A 131 19.76 -2.75 4.63
N VAL A 132 19.94 -4.06 4.80
CA VAL A 132 20.83 -4.82 3.91
C VAL A 132 20.47 -4.64 2.43
N MET A 133 19.18 -4.75 2.09
CA MET A 133 18.71 -4.63 0.72
C MET A 133 18.98 -3.24 0.15
N ALA A 134 18.77 -2.22 0.98
CA ALA A 134 18.95 -0.84 0.60
C ALA A 134 20.41 -0.48 0.35
N THR A 135 21.28 -0.95 1.22
CA THR A 135 22.61 -0.38 1.30
C THR A 135 23.73 -1.25 0.75
N SER A 136 23.54 -2.56 0.71
CA SER A 136 24.61 -3.42 0.22
C SER A 136 24.71 -3.34 -1.29
N ARG A 137 25.91 -3.61 -1.80
CA ARG A 137 26.17 -3.56 -3.25
C ARG A 137 27.01 -4.75 -3.61
N LYS A 138 27.02 -5.72 -2.70
CA LYS A 138 27.67 -6.99 -2.87
C LYS A 138 26.62 -8.04 -3.22
N TYR A 139 26.69 -8.47 -4.47
CA TYR A 139 25.77 -9.43 -5.06
C TYR A 139 25.39 -10.60 -4.14
N GLU A 140 26.38 -11.17 -3.49
CA GLU A 140 26.21 -12.32 -2.60
C GLU A 140 25.51 -12.01 -1.28
N ASP A 141 25.74 -10.82 -0.70
CA ASP A 141 25.01 -10.46 0.55
C ASP A 141 23.53 -10.20 0.26
N LEU A 142 23.30 -9.55 -0.88
CA LEU A 142 21.95 -9.27 -1.36
C LEU A 142 21.22 -10.60 -1.56
N LEU A 143 21.88 -11.50 -2.28
CA LEU A 143 21.33 -12.82 -2.46
C LEU A 143 21.07 -13.51 -1.12
N TRP A 144 22.01 -13.44 -0.19
CA TRP A 144 21.82 -14.08 1.12
C TRP A 144 20.48 -13.64 1.74
N ALA A 145 20.29 -12.33 1.88
CA ALA A 145 19.05 -11.75 2.43
C ALA A 145 17.80 -12.02 1.58
N TRP A 146 17.96 -11.94 0.27
CA TRP A 146 16.85 -12.19 -0.64
C TRP A 146 16.31 -13.62 -0.45
N GLU A 147 17.20 -14.60 -0.59
CA GLU A 147 16.84 -16.00 -0.45
C GLU A 147 16.45 -16.36 0.98
N GLY A 148 17.24 -15.84 1.94
CA GLY A 148 16.97 -16.08 3.36
C GLY A 148 15.56 -15.66 3.74
N TRP A 149 15.15 -14.46 3.34
CA TRP A 149 13.79 -14.04 3.67
C TRP A 149 12.74 -14.93 3.04
N ARG A 150 12.98 -15.34 1.81
CA ARG A 150 12.04 -16.25 1.13
C ARG A 150 12.01 -17.66 1.75
N ASP A 151 13.15 -18.16 2.18
CA ASP A 151 13.24 -19.47 2.81
C ASP A 151 12.55 -19.52 4.18
N LYS A 152 12.47 -18.37 4.86
CA LYS A 152 11.93 -18.33 6.22
C LYS A 152 10.48 -17.86 6.31
N ALA A 153 10.17 -16.73 5.69
CA ALA A 153 8.78 -16.25 5.67
C ALA A 153 7.97 -16.95 4.59
N GLY A 154 8.47 -16.96 3.37
CA GLY A 154 7.80 -17.64 2.26
C GLY A 154 7.43 -19.08 2.55
N ARG A 155 8.43 -19.93 2.76
CA ARG A 155 8.15 -21.36 2.93
C ARG A 155 7.17 -21.66 4.07
N ALA A 156 7.31 -20.93 5.18
CA ALA A 156 6.45 -21.19 6.34
C ALA A 156 5.00 -20.73 6.11
N ILE A 157 4.80 -19.82 5.17
CA ILE A 157 3.44 -19.42 4.85
C ILE A 157 2.76 -20.50 3.98
N LEU A 158 3.55 -21.22 3.16
CA LEU A 158 2.99 -22.23 2.24
C LEU A 158 2.02 -23.24 2.88
N GLN A 159 2.35 -23.78 4.05
CA GLN A 159 1.46 -24.75 4.69
C GLN A 159 0.05 -24.23 4.93
N PHE A 160 -0.08 -22.92 5.17
CA PHE A 160 -1.35 -22.27 5.50
C PHE A 160 -2.22 -21.82 4.30
N TYR A 161 -1.61 -21.60 3.15
CA TYR A 161 -2.26 -20.85 2.07
C TYR A 161 -3.43 -21.53 1.35
N PRO A 162 -3.26 -22.80 0.87
CA PRO A 162 -4.37 -23.44 0.15
C PRO A 162 -5.68 -23.49 0.94
N LYS A 163 -5.58 -23.60 2.27
CA LYS A 163 -6.78 -23.68 3.13
C LYS A 163 -7.41 -22.30 3.40
N TYR A 164 -6.55 -21.29 3.54
CA TYR A 164 -6.98 -19.90 3.56
C TYR A 164 -7.75 -19.66 2.28
N VAL A 165 -7.18 -20.09 1.14
CA VAL A 165 -7.81 -19.90 -0.16
C VAL A 165 -9.17 -20.59 -0.22
N GLU A 166 -9.21 -21.86 0.16
CA GLU A 166 -10.48 -22.56 0.27
C GLU A 166 -11.51 -21.80 1.12
N LEU A 167 -11.12 -21.30 2.29
CA LEU A 167 -12.09 -20.71 3.24
C LEU A 167 -12.64 -19.33 2.82
N ILE A 168 -11.74 -18.49 2.30
CA ILE A 168 -12.10 -17.14 1.85
C ILE A 168 -12.95 -17.18 0.57
N ASN A 169 -12.72 -18.18 -0.28
CA ASN A 169 -13.57 -18.39 -1.46
C ASN A 169 -14.97 -18.82 -1.03
N GLN A 170 -15.03 -19.73 -0.07
CA GLN A 170 -16.30 -20.21 0.46
C GLN A 170 -17.11 -19.08 1.12
N ALA A 171 -16.44 -18.28 1.92
CA ALA A 171 -16.98 -17.02 2.43
C ALA A 171 -17.57 -16.18 1.29
N ALA A 172 -16.79 -15.98 0.21
CA ALA A 172 -17.23 -15.15 -0.91
C ALA A 172 -18.42 -15.73 -1.67
N ARG A 173 -18.40 -17.04 -1.92
CA ARG A 173 -19.55 -17.69 -2.56
C ARG A 173 -20.78 -17.59 -1.66
N LEU A 174 -20.58 -17.70 -0.35
CA LEU A 174 -21.70 -17.56 0.60
C LEU A 174 -22.26 -16.14 0.72
N ASN A 175 -21.52 -15.16 0.20
CA ASN A 175 -22.01 -13.79 0.17
C ASN A 175 -22.48 -13.36 -1.24
N GLY A 176 -22.56 -14.31 -2.15
CA GLY A 176 -23.11 -14.06 -3.46
C GLY A 176 -22.09 -13.69 -4.52
N TYR A 177 -20.82 -13.92 -4.22
CA TYR A 177 -19.73 -13.65 -5.16
C TYR A 177 -19.23 -14.97 -5.77
N VAL A 178 -18.53 -14.94 -6.91
CA VAL A 178 -18.00 -16.19 -7.48
C VAL A 178 -16.74 -16.73 -6.82
N ASP A 179 -15.99 -15.85 -6.17
CA ASP A 179 -14.75 -16.19 -5.45
C ASP A 179 -14.30 -14.92 -4.72
N ALA A 180 -13.21 -15.02 -3.95
CA ALA A 180 -12.74 -13.94 -3.11
C ALA A 180 -12.27 -12.71 -3.88
N GLY A 181 -11.69 -12.93 -5.07
CA GLY A 181 -11.14 -11.83 -5.85
C GLY A 181 -12.28 -10.99 -6.38
N ASP A 182 -13.29 -11.67 -6.91
CA ASP A 182 -14.48 -10.98 -7.35
C ASP A 182 -15.04 -10.09 -6.22
N SER A 183 -15.12 -10.64 -5.03
CA SER A 183 -15.54 -9.89 -3.85
C SER A 183 -14.69 -8.65 -3.60
N TRP A 184 -13.37 -8.82 -3.63
CA TRP A 184 -12.46 -7.69 -3.46
C TRP A 184 -12.69 -6.66 -4.55
N ARG A 185 -12.57 -7.06 -5.82
CA ARG A 185 -12.83 -6.13 -6.92
C ARG A 185 -14.13 -5.33 -6.72
N SER A 186 -15.16 -5.98 -6.15
CA SER A 186 -16.48 -5.34 -5.93
C SER A 186 -16.46 -4.09 -5.07
N MET A 187 -15.44 -3.96 -4.22
CA MET A 187 -15.24 -2.77 -3.41
C MET A 187 -15.12 -1.46 -4.25
N TYR A 188 -14.79 -1.58 -5.53
CA TYR A 188 -14.67 -0.41 -6.42
C TYR A 188 -15.96 0.02 -7.11
N GLU A 189 -17.00 -0.82 -7.02
CA GLU A 189 -18.26 -0.59 -7.71
C GLU A 189 -18.06 -0.20 -9.19
N THR A 190 -17.16 -0.91 -9.88
CA THR A 190 -16.77 -0.58 -11.25
C THR A 190 -16.57 -1.88 -12.06
N PRO A 191 -17.66 -2.35 -12.69
CA PRO A 191 -17.69 -3.60 -13.48
C PRO A 191 -16.57 -3.69 -14.56
N SER A 192 -16.13 -2.54 -15.08
CA SER A 192 -15.05 -2.53 -16.06
C SER A 192 -13.67 -2.35 -15.39
N LEU A 193 -13.61 -2.53 -14.08
CA LEU A 193 -12.34 -2.42 -13.34
C LEU A 193 -11.14 -3.04 -14.06
N GLU A 194 -11.25 -4.29 -14.48
CA GLU A 194 -10.10 -5.00 -14.99
C GLU A 194 -9.54 -4.36 -16.26
N GLN A 195 -10.43 -4.02 -17.18
CA GLN A 195 -10.04 -3.40 -18.43
C GLN A 195 -9.58 -2.00 -18.15
N ASP A 196 -10.20 -1.36 -17.16
CA ASP A 196 -9.78 0.00 -16.77
C ASP A 196 -8.31 -0.03 -16.37
N LEU A 197 -7.98 -0.93 -15.46
CA LEU A 197 -6.60 -1.04 -14.96
C LEU A 197 -5.62 -1.46 -16.05
N GLU A 198 -6.00 -2.44 -16.87
CA GLU A 198 -5.16 -2.87 -17.97
C GLU A 198 -4.83 -1.71 -18.93
N ARG A 199 -5.80 -0.84 -19.21
CA ARG A 199 -5.56 0.29 -20.12
C ARG A 199 -4.59 1.24 -19.46
N LEU A 200 -4.81 1.51 -18.18
CA LEU A 200 -3.90 2.37 -17.41
C LEU A 200 -2.49 1.81 -17.37
N PHE A 201 -2.37 0.49 -17.22
CA PHE A 201 -1.09 -0.20 -17.24
C PHE A 201 -0.39 -0.08 -18.61
N GLN A 202 -1.15 -0.22 -19.69
CA GLN A 202 -0.56 -0.03 -21.03
C GLN A 202 -0.08 1.39 -21.26
N GLU A 203 -0.69 2.36 -20.60
CA GLU A 203 -0.26 3.74 -20.82
C GLU A 203 1.08 4.06 -20.15
N LEU A 204 1.36 3.42 -19.02
CA LEU A 204 2.62 3.66 -18.33
C LEU A 204 3.80 2.81 -18.76
N GLN A 205 3.63 2.14 -19.90
CA GLN A 205 4.62 1.18 -20.41
C GLN A 205 5.89 1.80 -21.03
N PRO A 206 5.73 2.67 -22.04
CA PRO A 206 6.95 3.33 -22.57
C PRO A 206 7.82 3.92 -21.44
N LEU A 207 7.16 4.44 -20.42
CA LEU A 207 7.84 5.05 -19.32
C LEU A 207 8.64 4.00 -18.52
N TYR A 208 7.96 2.93 -18.10
CA TYR A 208 8.61 1.81 -17.42
C TYR A 208 9.62 1.06 -18.28
N LEU A 209 9.25 0.66 -19.50
CA LEU A 209 10.25 -0.05 -20.33
C LEU A 209 11.54 0.76 -20.48
N ASN A 210 11.39 2.08 -20.54
CA ASN A 210 12.52 2.98 -20.64
C ASN A 210 13.30 3.10 -19.32
N LEU A 211 12.57 3.14 -18.19
CA LEU A 211 13.20 3.14 -16.89
C LEU A 211 13.96 1.84 -16.74
N HIS A 212 13.25 0.74 -16.97
CA HIS A 212 13.81 -0.61 -16.82
C HIS A 212 15.13 -0.75 -17.57
N ALA A 213 15.16 -0.30 -18.83
CA ALA A 213 16.34 -0.45 -19.65
C ALA A 213 17.45 0.41 -19.14
N TYR A 214 17.12 1.63 -18.76
CA TYR A 214 18.18 2.52 -18.29
C TYR A 214 18.82 1.90 -17.05
N VAL A 215 17.99 1.47 -16.08
CA VAL A 215 18.44 0.90 -14.82
C VAL A 215 19.29 -0.37 -15.01
N ARG A 216 18.87 -1.18 -15.97
CA ARG A 216 19.57 -2.41 -16.33
C ARG A 216 20.96 -2.10 -16.88
N ARG A 217 21.05 -1.07 -17.71
CA ARG A 217 22.35 -0.60 -18.21
C ARG A 217 23.31 -0.22 -17.05
N ALA A 218 22.79 0.45 -16.03
CA ALA A 218 23.61 0.86 -14.87
C ALA A 218 24.03 -0.33 -14.00
N LEU A 219 23.10 -1.26 -13.78
CA LEU A 219 23.38 -2.51 -13.06
C LEU A 219 24.44 -3.33 -13.77
N HIS A 220 24.31 -3.38 -15.09
CA HIS A 220 25.34 -3.99 -15.92
C HIS A 220 26.68 -3.36 -15.58
N ARG A 221 26.71 -2.04 -15.46
CA ARG A 221 27.96 -1.30 -15.31
C ARG A 221 28.60 -1.58 -13.94
N HIS A 222 27.78 -1.73 -12.91
CA HIS A 222 28.26 -1.98 -11.54
C HIS A 222 28.52 -3.45 -11.21
N TYR A 223 27.58 -4.32 -11.58
CA TYR A 223 27.66 -5.74 -11.26
C TYR A 223 28.33 -6.61 -12.31
N GLY A 224 28.64 -6.02 -13.47
CA GLY A 224 29.37 -6.76 -14.49
C GLY A 224 28.51 -7.51 -15.49
N ALA A 225 29.03 -7.59 -16.70
CA ALA A 225 28.37 -8.22 -17.83
C ALA A 225 27.90 -9.67 -17.60
N GLN A 226 28.68 -10.45 -16.85
CA GLN A 226 28.33 -11.84 -16.60
C GLN A 226 27.03 -12.05 -15.78
N HIS A 227 26.52 -10.98 -15.15
CA HIS A 227 25.36 -11.12 -14.28
C HIS A 227 24.13 -10.40 -14.81
N ILE A 228 24.34 -9.49 -15.75
CA ILE A 228 23.27 -8.68 -16.30
C ILE A 228 23.25 -8.90 -17.81
N ASN A 229 22.22 -9.58 -18.28
CA ASN A 229 21.96 -9.67 -19.69
C ASN A 229 21.25 -8.38 -20.16
N LEU A 230 21.88 -7.64 -21.06
CA LEU A 230 21.33 -6.36 -21.54
C LEU A 230 20.03 -6.48 -22.33
N GLU A 231 19.68 -7.71 -22.74
CA GLU A 231 18.38 -7.91 -23.41
C GLU A 231 17.42 -8.81 -22.59
N GLY A 232 17.61 -8.85 -21.29
CA GLY A 232 16.91 -9.81 -20.45
C GLY A 232 16.39 -9.22 -19.14
N PRO A 233 15.72 -10.06 -18.33
CA PRO A 233 15.15 -9.53 -17.11
C PRO A 233 16.26 -9.25 -16.12
N ILE A 234 15.94 -8.37 -15.16
CA ILE A 234 16.89 -7.96 -14.13
C ILE A 234 16.73 -8.91 -12.93
N PRO A 235 17.84 -9.45 -12.44
CA PRO A 235 17.78 -10.27 -11.23
C PRO A 235 17.01 -9.54 -10.12
N ALA A 236 15.96 -10.17 -9.59
CA ALA A 236 15.05 -9.49 -8.66
C ALA A 236 15.66 -8.94 -7.37
N HIS A 237 16.92 -9.24 -7.09
CA HIS A 237 17.54 -8.91 -5.81
C HIS A 237 18.45 -7.66 -5.77
N LEU A 238 18.59 -6.99 -6.92
CA LEU A 238 19.53 -5.89 -7.08
C LEU A 238 18.89 -4.50 -7.05
N LEU A 239 17.60 -4.42 -6.75
CA LEU A 239 16.89 -3.17 -6.89
C LEU A 239 16.80 -2.34 -5.62
N GLY A 240 17.51 -2.75 -4.56
CA GLY A 240 17.58 -1.92 -3.32
C GLY A 240 16.42 -2.12 -2.35
N ASN A 241 15.54 -3.04 -2.69
CA ASN A 241 14.31 -3.30 -1.94
C ASN A 241 14.01 -4.79 -1.98
N MET A 242 13.51 -5.33 -0.87
CA MET A 242 13.28 -6.77 -0.73
C MET A 242 12.44 -7.36 -1.84
N TRP A 243 11.52 -6.58 -2.41
CA TRP A 243 10.57 -7.08 -3.38
C TRP A 243 10.75 -6.45 -4.76
N ALA A 244 11.81 -5.66 -4.91
CA ALA A 244 12.04 -4.84 -6.09
C ALA A 244 10.80 -4.00 -6.46
N GLN A 245 10.05 -3.57 -5.44
CA GLN A 245 8.81 -2.82 -5.67
C GLN A 245 9.01 -1.32 -5.83
N THR A 246 9.94 -0.76 -5.05
CA THR A 246 10.47 0.59 -5.26
C THR A 246 11.98 0.46 -5.40
N TRP A 247 12.56 1.26 -6.30
CA TRP A 247 13.98 1.20 -6.61
C TRP A 247 14.79 2.43 -6.13
N SER A 248 14.22 3.27 -5.27
CA SER A 248 14.94 4.50 -4.92
C SER A 248 16.30 4.30 -4.22
N ASN A 249 16.48 3.16 -3.57
CA ASN A 249 17.72 2.88 -2.86
C ASN A 249 18.92 2.57 -3.75
N ILE A 250 18.71 2.35 -5.04
CA ILE A 250 19.85 2.30 -5.95
C ILE A 250 20.04 3.58 -6.76
N TYR A 251 19.50 4.70 -6.27
CA TYR A 251 19.64 5.98 -6.94
C TYR A 251 21.08 6.32 -7.25
N ASP A 252 21.97 6.00 -6.33
CA ASP A 252 23.38 6.33 -6.48
C ASP A 252 23.97 5.65 -7.70
N LEU A 253 23.56 4.41 -7.93
CA LEU A 253 24.11 3.62 -9.02
C LEU A 253 23.54 4.10 -10.36
N VAL A 254 22.41 4.80 -10.31
CA VAL A 254 21.71 5.16 -11.55
C VAL A 254 21.73 6.66 -11.86
N VAL A 255 22.25 7.46 -10.94
CA VAL A 255 22.14 8.92 -11.01
C VAL A 255 22.56 9.49 -12.37
N PRO A 256 21.61 10.11 -13.08
CA PRO A 256 21.85 10.61 -14.43
C PRO A 256 23.03 11.55 -14.48
N PHE A 257 23.18 12.36 -13.43
CA PHE A 257 24.26 13.37 -13.35
C PHE A 257 24.91 13.39 -11.98
N PRO A 258 25.95 12.54 -11.78
CA PRO A 258 26.69 12.58 -10.51
C PRO A 258 27.38 13.94 -10.37
N SER A 259 27.66 14.54 -11.53
CA SER A 259 28.04 15.94 -11.76
C SER A 259 27.17 16.97 -11.01
N ALA A 260 25.91 16.64 -10.73
CA ALA A 260 25.06 17.45 -9.87
C ALA A 260 24.65 16.58 -8.68
N PRO A 261 25.56 16.45 -7.69
CA PRO A 261 25.39 15.45 -6.65
C PRO A 261 24.33 15.88 -5.66
N SER A 262 23.71 14.93 -4.98
CA SER A 262 22.68 15.27 -4.01
C SER A 262 23.14 14.85 -2.62
N MET A 263 22.55 15.47 -1.59
CA MET A 263 22.93 15.18 -0.20
C MET A 263 22.53 13.77 0.23
N ASP A 264 23.26 13.20 1.19
CA ASP A 264 22.78 11.99 1.83
C ASP A 264 21.73 12.43 2.84
N THR A 265 20.48 12.11 2.52
CA THR A 265 19.35 12.52 3.32
C THR A 265 19.33 11.86 4.69
N THR A 266 19.75 10.59 4.74
CA THR A 266 19.74 9.82 5.98
C THR A 266 20.82 10.34 6.94
N GLU A 267 22.01 10.62 6.40
CA GLU A 267 23.05 11.38 7.11
C GLU A 267 22.45 12.62 7.74
N ALA A 268 21.82 13.44 6.89
CA ALA A 268 21.28 14.73 7.27
C ALA A 268 20.18 14.59 8.30
N MET A 269 19.35 13.55 8.17
CA MET A 269 18.27 13.30 9.14
C MET A 269 18.83 12.86 10.49
N LEU A 270 19.72 11.87 10.47
CA LEU A 270 20.32 11.38 11.69
C LEU A 270 21.13 12.48 12.36
N LYS A 271 22.03 13.11 11.60
CA LYS A 271 22.86 14.20 12.14
C LYS A 271 22.07 15.31 12.83
N GLN A 272 20.90 15.64 12.29
CA GLN A 272 20.11 16.77 12.76
C GLN A 272 19.14 16.41 13.88
N GLY A 273 19.29 15.20 14.41
CA GLY A 273 18.42 14.74 15.47
C GLY A 273 16.99 14.62 14.99
N TRP A 274 16.80 13.99 13.83
CA TRP A 274 15.46 13.60 13.46
C TRP A 274 15.09 12.39 14.30
N THR A 275 13.80 12.22 14.52
CA THR A 275 13.32 11.16 15.36
C THR A 275 12.05 10.63 14.70
N PRO A 276 11.61 9.40 15.03
CA PRO A 276 10.30 9.05 14.50
C PRO A 276 9.22 10.08 14.88
N ARG A 277 9.15 10.48 16.15
CA ARG A 277 8.19 11.48 16.59
C ARG A 277 8.20 12.75 15.71
N ARG A 278 9.40 13.27 15.45
CA ARG A 278 9.57 14.48 14.65
C ARG A 278 9.10 14.32 13.21
N MET A 279 9.17 13.09 12.69
CA MET A 279 8.77 12.79 11.34
C MET A 279 7.25 12.82 11.24
N PHE A 280 6.59 12.17 12.19
CA PHE A 280 5.14 12.29 12.28
C PHE A 280 4.64 13.71 12.63
N LYS A 281 5.45 14.50 13.37
CA LYS A 281 5.10 15.89 13.69
C LYS A 281 5.20 16.77 12.46
N GLU A 282 6.19 16.50 11.61
CA GLU A 282 6.30 17.28 10.39
C GLU A 282 5.17 16.94 9.42
N ALA A 283 4.78 15.67 9.35
CA ALA A 283 3.63 15.26 8.54
C ALA A 283 2.35 15.92 9.05
N ASP A 284 2.13 15.90 10.35
CA ASP A 284 1.05 16.62 11.01
C ASP A 284 1.02 18.08 10.59
N ASP A 285 2.19 18.74 10.66
CA ASP A 285 2.33 20.14 10.24
C ASP A 285 1.95 20.35 8.78
N PHE A 286 2.32 19.40 7.94
CA PHE A 286 2.02 19.55 6.52
C PHE A 286 0.51 19.55 6.31
N PHE A 287 -0.20 18.69 7.02
CA PHE A 287 -1.67 18.64 6.92
C PHE A 287 -2.36 19.90 7.45
N THR A 288 -1.79 20.51 8.47
CA THR A 288 -2.39 21.70 9.03
C THR A 288 -2.04 22.92 8.20
N SER A 289 -0.90 22.87 7.51
CA SER A 289 -0.53 24.00 6.65
C SER A 289 -1.67 24.22 5.65
N LEU A 290 -2.40 23.14 5.33
CA LEU A 290 -3.42 23.15 4.30
C LEU A 290 -4.78 23.45 4.90
N GLY A 291 -4.80 23.70 6.20
CA GLY A 291 -6.04 23.90 6.93
C GLY A 291 -6.82 22.60 7.03
N LEU A 292 -6.12 21.46 7.06
CA LEU A 292 -6.76 20.21 7.37
C LEU A 292 -6.59 19.93 8.84
N LEU A 293 -7.16 18.84 9.32
CA LEU A 293 -7.23 18.60 10.76
C LEU A 293 -5.90 18.16 11.37
N PRO A 294 -5.62 18.61 12.60
CA PRO A 294 -4.50 18.11 13.37
C PRO A 294 -4.85 16.80 14.05
N VAL A 295 -3.85 16.01 14.37
CA VAL A 295 -4.11 14.78 15.07
C VAL A 295 -4.41 15.12 16.53
N PRO A 296 -5.42 14.46 17.12
CA PRO A 296 -5.79 14.66 18.51
C PRO A 296 -4.63 14.41 19.48
N PRO A 297 -4.62 15.12 20.63
CA PRO A 297 -3.57 14.86 21.61
C PRO A 297 -3.37 13.36 21.87
N GLU A 298 -4.49 12.63 21.96
CA GLU A 298 -4.53 11.20 22.31
C GLU A 298 -3.72 10.31 21.38
N PHE A 299 -3.71 10.67 20.09
CA PHE A 299 -2.86 10.05 19.09
C PHE A 299 -1.39 9.92 19.53
N TRP A 300 -0.84 11.00 20.08
CA TRP A 300 0.56 11.00 20.52
C TRP A 300 0.72 10.16 21.79
N ASN A 301 -0.33 10.11 22.62
CA ASN A 301 -0.34 9.26 23.81
C ASN A 301 -0.34 7.78 23.47
N LYS A 302 -1.15 7.41 22.49
CA LYS A 302 -1.45 6.01 22.25
C LYS A 302 -0.68 5.32 21.12
N SER A 303 -0.21 6.08 20.12
CA SER A 303 0.43 5.48 18.93
C SER A 303 1.71 4.73 19.28
N MET A 304 2.10 3.84 18.38
CA MET A 304 3.38 3.17 18.48
C MET A 304 4.16 3.55 17.24
N LEU A 305 5.03 4.54 17.40
CA LEU A 305 5.70 5.19 16.28
C LEU A 305 7.11 4.68 16.01
N GLU A 306 7.60 3.78 16.87
CA GLU A 306 8.91 3.15 16.67
C GLU A 306 8.86 1.75 17.27
N LYS A 307 9.83 0.90 16.91
CA LYS A 307 9.95 -0.44 17.43
C LYS A 307 10.15 -0.46 18.94
N PRO A 308 9.25 -1.13 19.69
CA PRO A 308 9.39 -1.16 21.15
C PRO A 308 10.70 -1.85 21.54
N THR A 309 11.23 -1.49 22.71
CA THR A 309 12.51 -2.04 23.18
C THR A 309 12.34 -3.23 24.13
N ASP A 310 11.12 -3.42 24.63
CA ASP A 310 10.75 -4.51 25.57
C ASP A 310 11.30 -5.89 25.22
N GLY A 311 11.72 -6.06 23.97
CA GLY A 311 12.02 -7.40 23.44
C GLY A 311 10.73 -8.15 23.10
N ARG A 312 9.63 -7.41 23.03
CA ARG A 312 8.31 -7.97 22.70
C ARG A 312 8.03 -7.88 21.19
N GLU A 313 7.45 -8.96 20.65
CA GLU A 313 7.16 -9.04 19.23
C GLU A 313 6.00 -8.13 18.82
N VAL A 314 6.18 -7.43 17.72
CA VAL A 314 5.14 -6.60 17.14
C VAL A 314 5.00 -6.89 15.65
N VAL A 315 3.84 -6.54 15.08
CA VAL A 315 3.69 -6.47 13.63
C VAL A 315 4.31 -5.12 13.25
N CYS A 316 5.41 -5.17 12.51
CA CYS A 316 6.21 -3.98 12.28
C CYS A 316 5.71 -3.13 11.14
N HIS A 317 5.02 -3.78 10.21
CA HIS A 317 4.56 -3.14 9.00
C HIS A 317 3.61 -2.00 9.34
N ALA A 318 3.78 -0.84 8.70
CA ALA A 318 3.01 0.36 9.09
C ALA A 318 1.52 0.21 8.86
N SER A 319 0.73 0.62 9.84
CA SER A 319 -0.70 0.64 9.67
C SER A 319 -1.37 1.80 10.40
N ALA A 320 -2.49 2.27 9.85
CA ALA A 320 -3.27 3.29 10.52
C ALA A 320 -4.57 2.70 11.02
N TRP A 321 -4.98 3.14 12.21
CA TRP A 321 -6.06 2.50 12.98
C TRP A 321 -7.16 3.50 13.32
N ASP A 322 -8.38 3.22 12.86
CA ASP A 322 -9.58 3.93 13.27
C ASP A 322 -10.28 3.09 14.31
N PHE A 323 -10.50 3.67 15.47
CA PHE A 323 -11.18 2.99 16.56
C PHE A 323 -12.70 3.17 16.63
N TYR A 324 -13.27 3.82 15.63
CA TYR A 324 -14.71 4.04 15.47
C TYR A 324 -15.35 4.68 16.72
N ASN A 325 -14.71 5.75 17.18
CA ASN A 325 -15.01 6.45 18.42
C ASN A 325 -15.28 7.91 18.04
N GLY A 326 -14.84 8.26 16.83
CA GLY A 326 -14.69 9.64 16.45
C GLY A 326 -13.56 10.39 17.16
N LYS A 327 -12.83 9.71 18.06
CA LYS A 327 -11.84 10.41 18.92
C LYS A 327 -10.44 9.78 18.93
N ASP A 328 -10.39 8.45 18.89
CA ASP A 328 -9.18 7.66 19.05
C ASP A 328 -8.64 7.17 17.71
N PHE A 329 -7.51 7.73 17.28
CA PHE A 329 -6.88 7.31 16.04
C PHE A 329 -5.39 7.07 16.27
N ARG A 330 -4.86 6.03 15.63
CA ARG A 330 -3.48 5.60 15.94
C ARG A 330 -2.72 5.16 14.73
N ILE A 331 -1.42 5.37 14.78
CA ILE A 331 -0.52 4.69 13.87
C ILE A 331 0.36 3.70 14.64
N LYS A 332 0.63 2.58 13.98
CA LYS A 332 1.61 1.61 14.44
C LYS A 332 2.65 1.45 13.32
N GLN A 333 3.87 1.93 13.59
CA GLN A 333 4.95 1.80 12.63
C GLN A 333 6.27 1.54 13.31
N CYS A 334 7.05 0.59 12.81
CA CYS A 334 8.42 0.48 13.30
C CYS A 334 9.27 1.47 12.49
N THR A 335 9.08 2.76 12.77
CA THR A 335 9.73 3.85 11.99
C THR A 335 11.25 3.89 12.14
N THR A 336 11.95 3.93 11.01
CA THR A 336 13.37 4.20 10.97
C THR A 336 13.57 5.63 10.46
N VAL A 337 14.71 6.22 10.80
CA VAL A 337 15.02 7.62 10.49
C VAL A 337 15.73 7.69 9.14
N ASN A 338 14.96 7.64 8.07
CA ASN A 338 15.43 7.91 6.72
C ASN A 338 14.32 8.57 5.91
N LEU A 339 14.63 8.87 4.64
CA LEU A 339 13.73 9.61 3.78
C LEU A 339 12.56 8.74 3.32
N GLU A 340 12.85 7.46 3.13
CA GLU A 340 11.87 6.47 2.76
C GLU A 340 10.73 6.39 3.79
N ASP A 341 11.05 6.24 5.07
CA ASP A 341 10.02 6.22 6.12
C ASP A 341 9.38 7.57 6.42
N LEU A 342 9.99 8.66 5.97
CA LEU A 342 9.37 9.97 6.05
C LEU A 342 8.13 9.98 5.15
N VAL A 343 8.30 9.40 3.96
CA VAL A 343 7.25 9.27 2.96
C VAL A 343 6.15 8.34 3.47
N VAL A 344 6.57 7.26 4.12
CA VAL A 344 5.59 6.35 4.70
C VAL A 344 4.85 7.05 5.86
N ALA A 345 5.52 7.86 6.66
CA ALA A 345 4.81 8.57 7.73
C ALA A 345 3.70 9.51 7.18
N HIS A 346 3.94 10.14 6.04
CA HIS A 346 2.89 10.93 5.36
C HIS A 346 1.74 10.08 4.84
N HIS A 347 2.08 8.93 4.24
CA HIS A 347 1.11 8.00 3.72
C HIS A 347 0.13 7.59 4.82
N GLU A 348 0.69 7.19 5.98
CA GLU A 348 -0.09 6.79 7.13
C GLU A 348 -0.85 7.97 7.72
N MET A 349 -0.29 9.17 7.63
CA MET A 349 -0.98 10.33 8.19
C MET A 349 -2.18 10.74 7.35
N GLY A 350 -2.12 10.43 6.06
CA GLY A 350 -3.26 10.55 5.16
C GLY A 350 -4.39 9.61 5.53
N HIS A 351 -4.05 8.43 6.00
CA HIS A 351 -5.06 7.51 6.55
C HIS A 351 -5.79 8.18 7.72
N ILE A 352 -5.02 8.60 8.73
CA ILE A 352 -5.56 9.27 9.92
C ILE A 352 -6.43 10.49 9.57
N GLN A 353 -5.98 11.28 8.59
CA GLN A 353 -6.73 12.44 8.16
C GLN A 353 -8.09 12.04 7.53
N TYR A 354 -8.10 10.91 6.85
CA TYR A 354 -9.31 10.40 6.24
C TYR A 354 -10.27 9.93 7.33
N PHE A 355 -9.75 9.20 8.31
CA PHE A 355 -10.58 8.83 9.47
C PHE A 355 -11.20 10.05 10.11
N MET A 356 -10.43 11.14 10.17
CA MET A 356 -10.86 12.36 10.85
C MET A 356 -11.90 13.15 10.07
N GLN A 357 -11.73 13.23 8.76
CA GLN A 357 -12.69 13.94 7.92
C GLN A 357 -14.08 13.30 7.90
N TYR A 358 -14.14 11.97 7.93
CA TYR A 358 -15.41 11.31 7.77
C TYR A 358 -15.95 10.70 9.04
N LYS A 359 -15.47 11.19 10.18
CA LYS A 359 -15.85 10.60 11.47
C LYS A 359 -17.32 10.85 11.90
N ASP A 360 -17.99 11.84 11.30
CA ASP A 360 -19.43 12.08 11.56
C ASP A 360 -20.38 11.23 10.70
N LEU A 361 -19.85 10.59 9.65
CA LEU A 361 -20.64 9.68 8.84
C LEU A 361 -21.03 8.44 9.66
N PRO A 362 -22.09 7.70 9.24
CA PRO A 362 -22.31 6.40 9.88
C PRO A 362 -21.16 5.42 9.56
N VAL A 363 -20.82 4.58 10.54
CA VAL A 363 -19.63 3.71 10.47
C VAL A 363 -19.61 2.84 9.22
N ALA A 364 -20.81 2.50 8.74
CA ALA A 364 -20.95 1.73 7.50
C ALA A 364 -20.33 2.48 6.33
N LEU A 365 -20.33 3.79 6.42
CA LEU A 365 -19.88 4.64 5.33
C LEU A 365 -18.56 5.31 5.67
N ARG A 366 -18.03 5.00 6.87
CA ARG A 366 -16.69 5.42 7.30
C ARG A 366 -15.57 4.63 6.62
N GLU A 367 -15.36 4.91 5.33
CA GLU A 367 -14.36 4.21 4.51
C GLU A 367 -14.01 5.12 3.34
N GLY A 368 -13.04 4.74 2.53
CA GLY A 368 -12.60 5.56 1.41
C GLY A 368 -13.60 5.54 0.26
N ALA A 369 -13.60 6.59 -0.55
CA ALA A 369 -14.50 6.65 -1.68
C ALA A 369 -14.31 5.34 -2.45
N ASN A 370 -13.05 4.96 -2.65
CA ASN A 370 -12.69 3.57 -2.89
C ASN A 370 -11.37 3.32 -2.14
N PRO A 371 -10.87 2.06 -2.09
CA PRO A 371 -9.69 1.85 -1.25
C PRO A 371 -8.44 2.59 -1.75
N GLY A 372 -8.33 2.74 -3.07
CA GLY A 372 -7.27 3.55 -3.66
C GLY A 372 -7.22 4.98 -3.14
N PHE A 373 -8.39 5.61 -2.96
CA PHE A 373 -8.48 6.97 -2.40
C PHE A 373 -7.89 7.02 -1.00
N HIS A 374 -8.24 6.02 -0.18
CA HIS A 374 -7.71 5.95 1.19
C HIS A 374 -6.17 5.89 1.17
N GLU A 375 -5.62 5.09 0.25
CA GLU A 375 -4.16 5.00 0.08
C GLU A 375 -3.50 6.23 -0.52
N ALA A 376 -4.22 7.05 -1.28
CA ALA A 376 -3.58 8.13 -2.07
C ALA A 376 -3.37 9.46 -1.34
N ILE A 377 -4.17 9.73 -0.33
CA ILE A 377 -4.22 11.04 0.33
C ILE A 377 -2.84 11.48 0.80
N GLY A 378 -2.27 10.68 1.71
CA GLY A 378 -0.97 10.99 2.25
C GLY A 378 0.13 11.03 1.22
N ASP A 379 -0.01 10.22 0.18
CA ASP A 379 0.95 10.19 -0.91
C ASP A 379 0.96 11.48 -1.71
N VAL A 380 -0.22 12.09 -1.84
CA VAL A 380 -0.33 13.37 -2.53
C VAL A 380 0.52 14.44 -1.81
N LEU A 381 0.27 14.65 -0.53
CA LEU A 381 1.10 15.54 0.25
C LEU A 381 2.58 15.19 0.16
N ALA A 382 2.90 13.90 0.26
CA ALA A 382 4.29 13.44 0.14
C ALA A 382 4.94 13.80 -1.21
N LEU A 383 4.13 13.92 -2.26
CA LEU A 383 4.65 14.37 -3.55
C LEU A 383 5.23 15.77 -3.42
N SER A 384 4.63 16.56 -2.54
CA SER A 384 5.10 17.91 -2.32
C SER A 384 6.28 17.93 -1.34
N VAL A 385 6.15 17.25 -0.20
CA VAL A 385 7.27 17.03 0.72
C VAL A 385 8.55 16.64 -0.01
N SER A 386 8.45 15.71 -0.96
CA SER A 386 9.61 15.17 -1.68
C SER A 386 10.27 16.17 -2.65
N THR A 387 9.69 17.35 -2.87
CA THR A 387 10.31 18.33 -3.76
C THR A 387 11.60 18.84 -3.15
N PRO A 388 12.61 19.12 -3.99
CA PRO A 388 13.88 19.71 -3.58
C PRO A 388 13.70 21.00 -2.77
N LYS A 389 12.82 21.87 -3.24
CA LYS A 389 12.47 23.09 -2.52
C LYS A 389 11.88 22.85 -1.11
N HIS A 390 11.01 21.85 -0.96
CA HIS A 390 10.60 21.47 0.40
C HIS A 390 11.70 20.74 1.20
N LEU A 391 12.46 19.88 0.55
CA LEU A 391 13.51 19.14 1.24
C LEU A 391 14.62 20.08 1.71
N HIS A 392 14.96 21.07 0.88
CA HIS A 392 16.00 22.02 1.24
C HIS A 392 15.60 22.85 2.47
N SER A 393 14.31 23.12 2.60
CA SER A 393 13.77 23.91 3.69
C SER A 393 13.68 23.09 4.97
N LEU A 394 13.70 21.77 4.84
CA LEU A 394 13.80 20.90 6.02
C LEU A 394 15.26 20.71 6.42
N ASN A 395 16.17 21.28 5.63
CA ASN A 395 17.63 21.17 5.83
C ASN A 395 18.16 19.77 5.53
N LEU A 396 17.58 19.13 4.53
CA LEU A 396 17.91 17.76 4.13
C LEU A 396 18.42 17.72 2.70
N LEU A 397 18.45 18.88 2.05
CA LEU A 397 19.04 19.01 0.71
C LEU A 397 19.59 20.42 0.52
N SER A 398 20.36 20.62 -0.54
CA SER A 398 20.86 21.97 -0.86
C SER A 398 20.50 22.42 -2.27
N SER A 403 21.26 22.44 -12.51
CA SER A 403 19.89 22.83 -12.18
C SER A 403 18.86 22.23 -13.16
N ASP A 404 19.21 22.17 -14.44
CA ASP A 404 18.54 21.23 -15.36
C ASP A 404 19.03 19.80 -15.03
N GLU A 405 20.32 19.67 -14.77
CA GLU A 405 20.91 18.43 -14.25
C GLU A 405 20.23 17.95 -12.95
N HIS A 406 20.04 18.87 -11.99
CA HIS A 406 19.38 18.51 -10.73
C HIS A 406 17.91 18.13 -10.94
N ASP A 407 17.29 18.76 -11.92
CA ASP A 407 15.90 18.52 -12.24
C ASP A 407 15.70 17.12 -12.78
N ILE A 408 16.63 16.64 -13.61
CA ILE A 408 16.52 15.30 -14.19
C ILE A 408 16.89 14.26 -13.13
N ASN A 409 17.82 14.60 -12.24
CA ASN A 409 18.13 13.76 -11.08
C ASN A 409 16.89 13.59 -10.17
N PHE A 410 16.18 14.69 -9.93
CA PHE A 410 14.98 14.60 -9.11
C PHE A 410 13.94 13.68 -9.75
N LEU A 411 13.62 13.92 -11.01
CA LEU A 411 12.63 13.11 -11.72
C LEU A 411 13.02 11.63 -11.69
N MET A 412 14.31 11.37 -11.91
CA MET A 412 14.83 10.00 -11.79
C MET A 412 14.56 9.43 -10.40
N LYS A 413 15.03 10.10 -9.37
CA LYS A 413 14.68 9.71 -7.99
C LYS A 413 13.19 9.34 -7.86
N MET A 414 12.31 10.20 -8.33
CA MET A 414 10.86 10.00 -8.20
C MET A 414 10.38 8.84 -9.04
N ALA A 415 10.96 8.69 -10.23
CA ALA A 415 10.67 7.60 -11.14
C ALA A 415 11.08 6.25 -10.58
N LEU A 416 12.19 6.20 -9.85
CA LEU A 416 12.63 4.94 -9.27
C LEU A 416 11.65 4.49 -8.19
N ASP A 417 10.98 5.46 -7.56
CA ASP A 417 9.97 5.14 -6.56
C ASP A 417 8.60 4.85 -7.18
N LYS A 418 8.11 5.73 -8.04
CA LYS A 418 6.71 5.73 -8.44
C LYS A 418 6.37 4.88 -9.68
N ILE A 419 7.16 5.03 -10.75
CA ILE A 419 6.99 4.26 -11.99
C ILE A 419 7.29 2.80 -11.73
N ALA A 420 8.41 2.53 -11.04
CA ALA A 420 8.84 1.17 -10.79
C ALA A 420 7.80 0.34 -10.04
N PHE A 421 7.00 0.98 -9.20
CA PHE A 421 5.99 0.31 -8.42
C PHE A 421 4.74 -0.07 -9.22
N ILE A 422 4.54 0.59 -10.36
CA ILE A 422 3.35 0.41 -11.17
C ILE A 422 3.11 -1.06 -11.57
N PRO A 423 4.09 -1.69 -12.27
CA PRO A 423 3.97 -3.11 -12.60
C PRO A 423 3.96 -4.00 -11.36
N PHE A 424 4.71 -3.65 -10.32
CA PHE A 424 4.64 -4.49 -9.13
C PHE A 424 3.23 -4.45 -8.55
N SER A 425 2.66 -3.26 -8.41
CA SER A 425 1.33 -3.19 -7.79
C SER A 425 0.24 -3.82 -8.67
N TYR A 426 0.49 -3.88 -9.98
CA TYR A 426 -0.42 -4.50 -10.93
C TYR A 426 -0.38 -6.00 -10.76
N LEU A 427 0.84 -6.53 -10.65
CA LEU A 427 1.10 -7.95 -10.56
C LEU A 427 0.55 -8.68 -9.34
N VAL A 428 0.63 -8.07 -8.15
CA VAL A 428 0.25 -8.82 -6.95
C VAL A 428 -1.15 -9.38 -7.04
N ASP A 429 -2.12 -8.55 -7.36
CA ASP A 429 -3.47 -9.06 -7.48
C ASP A 429 -3.81 -9.74 -8.82
N GLN A 430 -3.02 -9.51 -9.88
CA GLN A 430 -3.12 -10.39 -11.05
C GLN A 430 -2.85 -11.85 -10.67
N TRP A 431 -1.85 -12.07 -9.83
CA TRP A 431 -1.57 -13.41 -9.33
C TRP A 431 -2.68 -13.83 -8.33
N ARG A 432 -3.06 -12.94 -7.43
CA ARG A 432 -4.00 -13.33 -6.38
C ARG A 432 -5.41 -13.59 -6.94
N TRP A 433 -5.86 -12.81 -7.93
CA TRP A 433 -7.17 -13.06 -8.51
C TRP A 433 -7.26 -14.42 -9.20
N ARG A 434 -6.15 -14.82 -9.83
CA ARG A 434 -6.08 -16.07 -10.59
C ARG A 434 -5.95 -17.28 -9.69
N VAL A 435 -5.45 -17.06 -8.47
CA VAL A 435 -5.45 -18.06 -7.41
C VAL A 435 -6.87 -18.26 -6.84
N PHE A 436 -7.52 -17.18 -6.44
CA PHE A 436 -8.91 -17.22 -5.91
C PHE A 436 -9.93 -17.87 -6.88
N ASP A 437 -9.77 -17.59 -8.18
CA ASP A 437 -10.70 -18.12 -9.18
C ASP A 437 -10.30 -19.48 -9.73
N GLY A 438 -9.22 -20.04 -9.18
CA GLY A 438 -8.77 -21.38 -9.59
C GLY A 438 -7.85 -21.56 -10.80
N SER A 439 -7.45 -20.48 -11.46
CA SER A 439 -6.51 -20.59 -12.57
C SER A 439 -5.18 -21.15 -12.06
N ILE A 440 -4.81 -20.69 -10.87
CA ILE A 440 -3.55 -21.01 -10.23
C ILE A 440 -3.81 -21.87 -8.99
N THR A 441 -3.18 -23.05 -8.98
CA THR A 441 -3.34 -24.05 -7.93
C THR A 441 -2.08 -24.07 -7.08
N LYS A 442 -2.16 -24.68 -5.90
CA LYS A 442 -0.99 -24.80 -5.00
C LYS A 442 0.20 -25.51 -5.65
N GLU A 443 -0.01 -26.09 -6.83
CA GLU A 443 1.11 -26.62 -7.57
C GLU A 443 1.77 -25.66 -8.55
N ASN A 444 1.04 -24.64 -8.99
CA ASN A 444 1.56 -23.60 -9.88
C ASN A 444 1.77 -22.24 -9.16
N TYR A 445 1.73 -22.21 -7.83
CA TYR A 445 1.80 -20.93 -7.10
C TYR A 445 3.02 -20.10 -7.49
N ASN A 446 4.19 -20.66 -7.22
CA ASN A 446 5.45 -20.00 -7.40
C ASN A 446 5.87 -19.78 -8.85
N GLN A 447 5.53 -20.72 -9.73
CA GLN A 447 5.87 -20.60 -11.15
C GLN A 447 5.07 -19.49 -11.82
N GLU A 448 3.79 -19.41 -11.50
CA GLU A 448 2.96 -18.37 -12.06
C GLU A 448 3.26 -17.03 -11.41
N TRP A 449 3.77 -17.04 -10.19
CA TRP A 449 4.13 -15.78 -9.56
C TRP A 449 5.30 -15.17 -10.33
N TRP A 450 6.30 -16.00 -10.66
CA TRP A 450 7.44 -15.59 -11.48
C TRP A 450 7.15 -15.40 -12.98
N SER A 451 6.13 -16.04 -13.54
CA SER A 451 5.74 -15.69 -14.93
C SER A 451 5.21 -14.27 -14.96
N LEU A 452 4.54 -13.85 -13.89
CA LEU A 452 4.05 -12.49 -13.84
C LEU A 452 5.17 -11.50 -13.52
N ARG A 453 6.10 -11.90 -12.64
CA ARG A 453 7.25 -11.07 -12.33
C ARG A 453 8.02 -10.75 -13.58
N LEU A 454 8.12 -11.75 -14.45
CA LEU A 454 8.75 -11.54 -15.73
C LEU A 454 7.87 -10.69 -16.65
N LYS A 455 6.63 -11.13 -16.88
CA LYS A 455 5.75 -10.42 -17.81
C LYS A 455 5.58 -8.93 -17.51
N TYR A 456 5.23 -8.60 -16.26
CA TYR A 456 4.95 -7.20 -15.94
C TYR A 456 6.18 -6.39 -15.58
N GLN A 457 7.02 -6.91 -14.68
CA GLN A 457 8.15 -6.15 -14.15
C GLN A 457 9.47 -6.33 -14.89
N GLY A 458 9.62 -7.44 -15.60
CA GLY A 458 10.91 -7.75 -16.27
C GLY A 458 11.96 -8.18 -15.26
N LEU A 459 11.53 -8.92 -14.24
CA LEU A 459 12.45 -9.53 -13.29
C LEU A 459 12.53 -11.05 -13.39
N CYS A 460 13.68 -11.60 -13.06
CA CYS A 460 13.88 -13.03 -12.97
C CYS A 460 14.36 -13.31 -11.56
N PRO A 461 14.06 -14.52 -11.02
CA PRO A 461 14.62 -14.80 -9.69
C PRO A 461 16.11 -15.08 -9.85
N PRO A 462 16.96 -14.51 -8.96
CA PRO A 462 18.40 -14.72 -9.08
C PRO A 462 18.79 -16.15 -8.74
N VAL A 463 17.96 -16.84 -7.98
CA VAL A 463 18.17 -18.24 -7.64
C VAL A 463 16.93 -18.99 -8.16
N PRO A 464 17.14 -20.07 -8.94
CA PRO A 464 15.95 -20.77 -9.45
C PRO A 464 15.10 -21.29 -8.30
N ARG A 465 13.78 -21.34 -8.51
CA ARG A 465 12.86 -21.70 -7.46
C ARG A 465 12.64 -23.21 -7.46
N THR A 466 12.50 -23.78 -6.27
CA THR A 466 12.26 -25.21 -6.10
C THR A 466 10.89 -25.45 -5.49
N GLN A 467 10.38 -26.68 -5.63
CA GLN A 467 9.14 -27.09 -4.94
C GLN A 467 9.31 -26.80 -3.45
N GLY A 468 8.28 -26.21 -2.85
CA GLY A 468 8.35 -25.78 -1.45
C GLY A 468 8.45 -24.28 -1.30
N ASP A 469 9.01 -23.60 -2.30
CA ASP A 469 9.06 -22.15 -2.27
C ASP A 469 7.67 -21.57 -2.50
N PHE A 470 7.36 -20.52 -1.74
CA PHE A 470 6.13 -19.75 -1.89
C PHE A 470 6.56 -18.31 -1.67
N ASP A 471 7.19 -17.75 -2.70
CA ASP A 471 7.73 -16.42 -2.65
C ASP A 471 6.67 -15.34 -2.42
N PRO A 472 5.44 -15.50 -2.94
CA PRO A 472 4.45 -14.46 -2.60
C PRO A 472 4.22 -14.38 -1.10
N GLY A 473 4.46 -15.45 -0.38
CA GLY A 473 4.29 -15.45 1.08
C GLY A 473 5.33 -14.60 1.77
N ALA A 474 6.33 -14.15 1.02
CA ALA A 474 7.35 -13.27 1.60
C ALA A 474 6.98 -11.76 1.54
N LYS A 475 5.80 -11.44 1.03
CA LYS A 475 5.34 -10.04 0.98
C LYS A 475 4.19 -9.91 1.98
N PHE A 476 4.33 -8.99 2.92
CA PHE A 476 3.35 -8.82 4.01
C PHE A 476 1.89 -9.10 3.64
N HIS A 477 1.46 -8.63 2.47
CA HIS A 477 0.03 -8.54 2.16
C HIS A 477 -0.60 -9.86 1.82
N ILE A 478 0.22 -10.80 1.36
CA ILE A 478 -0.27 -12.13 1.08
C ILE A 478 -0.68 -12.80 2.40
N PRO A 479 0.28 -13.03 3.33
CA PRO A 479 -0.11 -13.68 4.57
C PRO A 479 -1.12 -12.86 5.33
N SER A 480 -1.05 -11.54 5.23
CA SER A 480 -1.93 -10.64 5.97
C SER A 480 -3.28 -10.44 5.32
N SER A 481 -3.46 -10.98 4.11
CA SER A 481 -4.71 -10.94 3.38
C SER A 481 -5.28 -9.53 3.24
N VAL A 482 -4.43 -8.61 2.84
CA VAL A 482 -4.84 -7.25 2.55
C VAL A 482 -4.72 -7.13 1.05
N PRO A 483 -5.82 -6.71 0.36
CA PRO A 483 -5.76 -6.53 -1.11
C PRO A 483 -4.72 -5.49 -1.51
N TYR A 484 -4.29 -5.53 -2.76
CA TYR A 484 -3.12 -4.82 -3.18
C TYR A 484 -3.37 -3.92 -4.37
N ILE A 485 -4.45 -4.18 -5.10
CA ILE A 485 -4.83 -3.32 -6.23
C ILE A 485 -5.04 -1.85 -5.78
N ARG A 486 -5.61 -1.65 -4.58
CA ARG A 486 -5.67 -0.33 -3.95
C ARG A 486 -4.44 0.54 -4.18
N TYR A 487 -3.24 -0.06 -4.19
CA TYR A 487 -1.99 0.69 -4.35
C TYR A 487 -1.72 1.04 -5.78
N PHE A 488 -2.17 0.21 -6.72
CA PHE A 488 -2.01 0.53 -8.15
C PHE A 488 -2.92 1.69 -8.50
N VAL A 489 -4.14 1.65 -7.95
CA VAL A 489 -5.08 2.74 -8.11
C VAL A 489 -4.53 3.98 -7.41
N SER A 490 -3.92 3.79 -6.23
CA SER A 490 -3.31 4.91 -5.49
C SER A 490 -2.29 5.69 -6.31
N PHE A 491 -1.38 4.97 -6.96
CA PHE A 491 -0.30 5.61 -7.69
C PHE A 491 -0.75 6.40 -8.88
N ILE A 492 -1.76 5.90 -9.61
CA ILE A 492 -2.33 6.63 -10.73
C ILE A 492 -3.04 7.89 -10.23
N ILE A 493 -3.92 7.74 -9.25
CA ILE A 493 -4.82 8.83 -8.89
C ILE A 493 -4.14 9.95 -8.15
N GLN A 494 -3.18 9.61 -7.29
CA GLN A 494 -2.46 10.61 -6.50
C GLN A 494 -1.84 11.68 -7.43
N PHE A 495 -1.34 11.27 -8.59
CA PHE A 495 -0.84 12.20 -9.60
C PHE A 495 -1.96 13.06 -10.16
N GLN A 496 -3.15 12.48 -10.31
CA GLN A 496 -4.31 13.28 -10.71
C GLN A 496 -4.67 14.30 -9.62
N PHE A 497 -4.59 13.91 -8.36
CA PHE A 497 -4.95 14.78 -7.25
C PHE A 497 -3.93 15.94 -7.16
N HIS A 498 -2.66 15.58 -7.26
CA HIS A 498 -1.54 16.52 -7.21
C HIS A 498 -1.69 17.60 -8.27
N GLU A 499 -1.96 17.19 -9.51
CA GLU A 499 -2.16 18.12 -10.62
C GLU A 499 -3.34 19.06 -10.41
N ALA A 500 -4.46 18.51 -9.93
CA ALA A 500 -5.63 19.32 -9.58
C ALA A 500 -5.32 20.32 -8.48
N LEU A 501 -4.65 19.84 -7.44
CA LEU A 501 -4.41 20.64 -6.26
C LEU A 501 -3.42 21.73 -6.58
N CYS A 502 -2.46 21.44 -7.46
CA CYS A 502 -1.47 22.40 -7.93
C CYS A 502 -2.09 23.56 -8.73
N GLN A 503 -3.03 23.23 -9.62
CA GLN A 503 -3.75 24.26 -10.38
C GLN A 503 -4.72 25.05 -9.48
N ALA A 504 -5.43 24.37 -8.58
CA ALA A 504 -6.21 25.04 -7.54
C ALA A 504 -5.36 26.01 -6.70
N ALA A 505 -4.10 25.65 -6.46
CA ALA A 505 -3.17 26.51 -5.74
C ALA A 505 -2.58 27.61 -6.62
N GLY A 506 -2.95 27.65 -7.89
CA GLY A 506 -2.52 28.70 -8.81
C GLY A 506 -1.17 28.50 -9.50
N HIS A 507 -0.61 27.30 -9.42
CA HIS A 507 0.76 27.11 -9.89
C HIS A 507 0.87 26.88 -11.39
N THR A 508 1.92 27.43 -11.98
CA THR A 508 2.10 27.41 -13.42
C THR A 508 3.28 26.53 -13.83
N GLY A 509 3.24 26.06 -15.07
CA GLY A 509 4.37 25.33 -15.68
C GLY A 509 4.57 23.93 -15.12
N PRO A 510 5.77 23.35 -15.35
CA PRO A 510 6.04 21.91 -15.14
C PRO A 510 5.62 21.39 -13.78
N LEU A 511 4.73 20.40 -13.82
CA LEU A 511 4.03 19.88 -12.67
C LEU A 511 4.90 19.28 -11.57
N HIS A 512 6.08 18.79 -11.94
CA HIS A 512 6.97 18.17 -10.95
C HIS A 512 7.60 19.20 -10.05
N LYS A 513 7.47 20.47 -10.41
CA LYS A 513 8.06 21.55 -9.62
C LYS A 513 7.08 22.11 -8.58
N CYS A 514 5.86 21.61 -8.59
CA CYS A 514 4.82 22.06 -7.67
C CYS A 514 5.03 21.61 -6.23
N ASP A 515 4.72 22.52 -5.30
CA ASP A 515 4.72 22.24 -3.87
C ASP A 515 3.47 22.92 -3.30
N ILE A 516 2.56 22.13 -2.74
CA ILE A 516 1.29 22.64 -2.27
C ILE A 516 1.29 23.05 -0.79
N TYR A 517 2.45 23.02 -0.16
CA TYR A 517 2.54 23.38 1.25
C TYR A 517 1.82 24.71 1.48
N GLN A 518 0.97 24.72 2.50
CA GLN A 518 0.22 25.90 2.97
C GLN A 518 -0.96 26.35 2.12
N SER A 519 -1.22 25.67 0.99
CA SER A 519 -2.32 26.02 0.11
C SER A 519 -3.69 25.63 0.70
N LYS A 520 -4.44 26.65 1.12
CA LYS A 520 -5.76 26.46 1.71
C LYS A 520 -6.78 26.00 0.68
N GLU A 521 -6.57 26.39 -0.56
CA GLU A 521 -7.46 26.04 -1.64
C GLU A 521 -7.38 24.53 -1.92
N ALA A 522 -6.16 23.98 -1.79
CA ALA A 522 -5.92 22.56 -1.97
C ALA A 522 -6.54 21.76 -0.84
N GLY A 523 -6.31 22.22 0.39
CA GLY A 523 -6.93 21.61 1.57
C GLY A 523 -8.45 21.55 1.45
N GLN A 524 -9.04 22.58 0.85
CA GLN A 524 -10.49 22.63 0.74
C GLN A 524 -11.00 21.53 -0.21
N ARG A 525 -10.31 21.37 -1.35
CA ARG A 525 -10.65 20.31 -2.28
C ARG A 525 -10.57 18.93 -1.69
N LEU A 526 -9.43 18.58 -1.09
CA LEU A 526 -9.29 17.28 -0.42
C LEU A 526 -10.33 17.04 0.70
N ALA A 527 -10.53 18.02 1.57
CA ALA A 527 -11.53 17.93 2.65
C ALA A 527 -12.95 17.63 2.17
N THR A 528 -13.43 18.38 1.17
CA THR A 528 -14.80 18.19 0.69
C THR A 528 -14.92 16.78 0.15
N ALA A 529 -13.85 16.31 -0.49
CA ALA A 529 -13.82 14.96 -1.05
C ALA A 529 -13.75 13.87 0.02
N MET A 530 -12.97 14.08 1.08
CA MET A 530 -12.80 13.08 2.15
C MET A 530 -14.02 12.94 3.07
N LYS A 531 -14.79 14.02 3.20
CA LYS A 531 -15.98 14.03 4.07
C LYS A 531 -17.08 13.09 3.55
N LEU A 532 -17.11 12.89 2.23
CA LEU A 532 -18.03 11.94 1.60
C LEU A 532 -17.89 10.52 2.12
N GLY A 533 -16.71 10.20 2.66
CA GLY A 533 -16.40 8.82 3.03
C GLY A 533 -16.82 7.86 1.93
N PHE A 534 -17.65 6.88 2.30
CA PHE A 534 -18.13 5.89 1.34
C PHE A 534 -19.65 6.09 1.04
N SER A 535 -20.12 7.33 1.14
CA SER A 535 -21.55 7.64 0.96
C SER A 535 -21.99 7.82 -0.51
N ARG A 536 -21.04 8.08 -1.40
CA ARG A 536 -21.32 8.22 -2.83
C ARG A 536 -20.39 7.33 -3.66
N PRO A 537 -20.78 7.00 -4.89
CA PRO A 537 -19.81 6.23 -5.66
C PRO A 537 -18.58 7.10 -5.91
N TRP A 538 -17.39 6.48 -5.94
CA TRP A 538 -16.12 7.23 -6.08
C TRP A 538 -16.06 8.29 -7.20
N PRO A 539 -16.69 8.07 -8.36
CA PRO A 539 -16.46 9.12 -9.38
C PRO A 539 -16.87 10.53 -8.93
N GLU A 540 -17.75 10.62 -7.93
CA GLU A 540 -18.14 11.90 -7.37
C GLU A 540 -16.97 12.55 -6.64
N ALA A 541 -16.24 11.78 -5.83
CA ALA A 541 -15.06 12.35 -5.20
C ALA A 541 -13.99 12.65 -6.26
N MET A 542 -13.79 11.73 -7.19
CA MET A 542 -12.82 12.01 -8.25
C MET A 542 -13.11 13.39 -8.85
N GLN A 543 -14.40 13.66 -9.06
CA GLN A 543 -14.87 14.90 -9.68
C GLN A 543 -14.61 16.14 -8.82
N LEU A 544 -14.95 16.04 -7.53
CA LEU A 544 -14.70 17.10 -6.56
C LEU A 544 -13.24 17.56 -6.47
N ILE A 545 -12.31 16.61 -6.62
CA ILE A 545 -10.91 16.94 -6.52
C ILE A 545 -10.41 17.44 -7.87
N THR A 546 -10.73 16.73 -8.95
CA THR A 546 -10.05 16.94 -10.24
C THR A 546 -10.91 17.61 -11.32
N GLY A 547 -12.18 17.86 -11.02
CA GLY A 547 -13.08 18.48 -12.00
C GLY A 547 -13.58 17.57 -13.12
N GLN A 548 -13.36 16.27 -12.98
CA GLN A 548 -13.72 15.27 -13.98
C GLN A 548 -13.80 13.91 -13.27
N PRO A 549 -14.53 12.92 -13.87
CA PRO A 549 -14.87 11.71 -13.08
C PRO A 549 -14.01 10.44 -13.25
N ASN A 550 -13.10 10.39 -14.23
CA ASN A 550 -12.33 9.18 -14.55
C ASN A 550 -10.99 9.01 -13.79
N MET A 551 -10.52 7.77 -13.67
CA MET A 551 -9.11 7.52 -13.43
C MET A 551 -8.41 7.76 -14.76
N SER A 552 -7.23 8.36 -14.73
CA SER A 552 -6.49 8.69 -15.94
C SER A 552 -5.00 8.75 -15.63
N ALA A 553 -4.20 8.18 -16.52
CA ALA A 553 -2.75 8.13 -16.37
C ALA A 553 -2.07 9.42 -16.82
N SER A 554 -2.84 10.35 -17.37
CA SER A 554 -2.30 11.54 -18.02
C SER A 554 -1.46 12.47 -17.17
N ALA A 555 -1.88 12.69 -15.94
CA ALA A 555 -1.15 13.53 -15.00
C ALA A 555 0.23 12.94 -14.71
N MET A 556 0.26 11.62 -14.46
CA MET A 556 1.50 10.93 -14.18
C MET A 556 2.41 10.96 -15.42
N LEU A 557 1.83 10.75 -16.59
CA LEU A 557 2.61 10.87 -17.83
C LEU A 557 3.16 12.28 -17.96
N SER A 558 2.35 13.25 -17.53
CA SER A 558 2.69 14.65 -17.63
C SER A 558 3.78 15.03 -16.62
N TYR A 559 3.62 14.57 -15.38
CA TYR A 559 4.65 14.74 -14.36
C TYR A 559 6.03 14.31 -14.86
N PHE A 560 6.11 13.11 -15.45
CA PHE A 560 7.38 12.52 -15.92
C PHE A 560 7.75 12.77 -17.39
N LYS A 561 7.00 13.63 -18.07
CA LYS A 561 7.21 13.83 -19.48
C LYS A 561 8.65 14.23 -19.76
N PRO A 562 9.23 15.19 -19.00
CA PRO A 562 10.61 15.57 -19.28
C PRO A 562 11.57 14.41 -19.07
N LEU A 563 11.30 13.57 -18.08
CA LEU A 563 12.09 12.37 -17.88
C LEU A 563 11.94 11.37 -19.01
N LEU A 564 10.74 11.23 -19.56
CA LEU A 564 10.52 10.30 -20.66
C LEU A 564 11.38 10.69 -21.86
N ASP A 565 11.31 11.96 -22.23
CA ASP A 565 12.16 12.50 -23.28
C ASP A 565 13.64 12.18 -23.04
N TRP A 566 14.12 12.43 -21.84
CA TRP A 566 15.53 12.21 -21.53
C TRP A 566 15.91 10.72 -21.58
N LEU A 567 15.08 9.87 -20.99
CA LEU A 567 15.26 8.41 -21.05
C LEU A 567 15.29 7.86 -22.49
N ARG A 568 14.43 8.38 -23.38
CA ARG A 568 14.39 7.89 -24.75
C ARG A 568 15.70 8.21 -25.47
N THR A 569 16.08 9.48 -25.43
CA THR A 569 17.35 9.95 -25.99
C THR A 569 18.49 9.07 -25.52
N GLU A 570 18.51 8.86 -24.21
CA GLU A 570 19.60 8.19 -23.52
C GLU A 570 19.69 6.69 -23.84
N ASN A 571 18.57 5.98 -23.71
CA ASN A 571 18.48 4.57 -24.11
C ASN A 571 18.78 4.35 -25.61
N GLU A 572 18.38 5.31 -26.44
CA GLU A 572 18.71 5.29 -27.84
C GLU A 572 20.20 5.35 -28.12
N LEU A 573 20.91 6.32 -27.51
CA LEU A 573 22.34 6.48 -27.79
C LEU A 573 23.22 5.34 -27.27
N HIS A 574 22.76 4.67 -26.22
CA HIS A 574 23.41 3.44 -25.76
C HIS A 574 22.93 2.22 -26.56
N GLY A 575 21.97 2.43 -27.46
CA GLY A 575 21.42 1.36 -28.30
C GLY A 575 20.74 0.26 -27.51
N GLU A 576 20.02 0.64 -26.45
CA GLU A 576 19.22 -0.31 -25.67
C GLU A 576 18.14 -0.98 -26.50
N LYS A 577 17.84 -2.23 -26.16
CA LYS A 577 16.70 -2.94 -26.71
C LYS A 577 15.70 -3.17 -25.60
N LEU A 578 14.72 -2.27 -25.55
CA LEU A 578 13.69 -2.23 -24.50
C LEU A 578 12.94 -3.53 -24.39
N GLY A 579 12.63 -3.91 -23.16
CA GLY A 579 11.91 -5.15 -22.91
C GLY A 579 12.85 -6.33 -22.73
N TRP A 580 12.27 -7.51 -22.85
CA TRP A 580 12.94 -8.74 -22.52
C TRP A 580 12.28 -9.83 -23.31
N GLN A 581 12.97 -10.19 -24.39
CA GLN A 581 12.63 -11.24 -25.38
C GLN A 581 12.71 -12.74 -25.02
N GLN A 582 13.79 -13.17 -24.36
C1 NAG B . -31.50 9.79 3.05
C2 NAG B . -31.77 11.28 2.79
C3 NAG B . -30.58 12.12 3.21
C4 NAG B . -30.05 11.77 4.60
C5 NAG B . -29.93 10.25 4.82
C6 NAG B . -29.48 9.81 6.24
C7 NAG B . -33.29 12.07 0.99
C8 NAG B . -33.45 12.30 -0.48
N2 NAG B . -32.12 11.56 1.40
O3 NAG B . -30.96 13.48 3.17
O4 NAG B . -28.78 12.38 4.65
O5 NAG B . -31.12 9.57 4.39
O6 NAG B . -30.43 9.96 7.27
O7 NAG B . -34.23 12.38 1.74
C1 NAG B . -28.65 13.33 5.72
C2 NAG B . -27.15 13.56 5.91
C3 NAG B . -26.89 14.65 6.95
C4 NAG B . -27.65 15.92 6.62
C5 NAG B . -29.14 15.56 6.45
C6 NAG B . -30.01 16.75 6.04
C7 NAG B . -25.85 11.50 5.55
C8 NAG B . -25.30 10.30 6.27
N2 NAG B . -26.52 12.34 6.34
O3 NAG B . -25.51 14.94 6.96
O4 NAG B . -27.41 16.89 7.62
O5 NAG B . -29.28 14.56 5.44
O6 NAG B . -29.72 17.11 4.70
O7 NAG B . -25.68 11.63 4.34
C1 BMA B . -26.71 18.02 7.04
C2 BMA B . -27.38 19.35 7.45
C3 BMA B . -26.34 20.46 7.63
C4 BMA B . -25.36 20.01 8.70
C5 BMA B . -24.56 18.79 8.19
C6 BMA B . -24.01 17.93 9.35
O2 BMA B . -28.16 19.16 8.64
O3 BMA B . -26.96 21.71 7.98
O4 BMA B . -24.49 21.10 9.03
O5 BMA B . -25.26 17.99 7.21
O6 BMA B . -25.01 17.10 9.96
ZN ZN C . -1.83 2.70 3.41
CL CL D . 9.56 -12.60 -4.88
CL CL E . -8.36 -2.83 -2.71
C1 NAG F . 2.13 -7.71 26.60
C2 NAG F . 1.98 -6.30 27.18
C3 NAG F . 1.62 -6.31 28.66
C4 NAG F . 0.62 -7.41 29.02
C5 NAG F . 1.13 -8.74 28.48
C6 NAG F . 0.25 -9.90 28.94
C7 NAG F . 3.13 -4.20 26.61
C8 NAG F . 4.42 -3.44 26.51
N2 NAG F . 3.18 -5.49 27.00
O3 NAG F . 1.07 -5.06 29.02
O4 NAG F . 0.47 -7.49 30.42
O5 NAG F . 1.16 -8.63 27.07
O6 NAG F . -0.68 -10.24 27.93
O7 NAG F . 2.05 -3.63 26.45
C4 SLC G . 1.95 -0.33 2.56
O1 SLC G . 1.90 -1.51 2.81
C2 SLC G . 1.55 0.57 3.63
C3 SLC G . 1.90 1.84 3.65
C1 SLC G . 0.75 0.03 4.80
SE SLC G . -1.10 0.62 4.58
N SLC G . 2.40 0.14 1.36
C8 SLC G . 2.80 -0.68 0.41
C9 SLC G . 3.66 -1.71 0.55
O3 SLC G . 4.01 -2.43 -0.41
C7 SLC G . 2.30 -0.15 -0.88
C6 SLC G . 2.43 1.34 -0.60
C5 SLC G . 2.48 1.53 0.92
O2 SLC G . 4.08 -2.02 1.68
#